data_1JUA
#
_entry.id   1JUA
#
_cell.length_a   ?
_cell.length_b   ?
_cell.length_c   ?
_cell.angle_alpha   ?
_cell.angle_beta   ?
_cell.angle_gamma   ?
#
_entity_poly.entity_id   1
_entity_poly.type   'polydeoxyribonucleotide'
_entity_poly.pdbx_seq_one_letter_code
;(DC)(DT)(DT)(DG)(DC)(DT)(DG)(DA)(DA)(DG)(DC)(DG)(DC)(DG)(DC)(DA)(DC)(DG)(DG)(DC)
(DA)(DA)(DG)
;
_entity_poly.pdbx_strand_id   A,B
#
loop_
_chem_comp.id
_chem_comp.type
_chem_comp.name
_chem_comp.formula
DA DNA linking 2'-DEOXYADENOSINE-5'-MONOPHOSPHATE 'C10 H14 N5 O6 P'
DC DNA linking 2'-DEOXYCYTIDINE-5'-MONOPHOSPHATE 'C9 H14 N3 O7 P'
DG DNA linking 2'-DEOXYGUANOSINE-5'-MONOPHOSPHATE 'C10 H14 N5 O7 P'
DT DNA linking THYMIDINE-5'-MONOPHOSPHATE 'C10 H15 N2 O8 P'
#